data_4YHZ
#
_entry.id   4YHZ
#
_cell.length_a   130.375
_cell.length_b   130.375
_cell.length_c   96.365
_cell.angle_alpha   90.00
_cell.angle_beta   90.00
_cell.angle_gamma   120.00
#
_symmetry.space_group_name_H-M   'P 31 2 1'
#
loop_
_entity.id
_entity.type
_entity.pdbx_description
1 polymer 'Fab Heavy Chain'
2 polymer 'Fab Light Chain'
3 polymer 'H3K4me3 peptide'
4 non-polymer GLYCEROL
5 non-polymer 'SULFATE ION'
6 water water
#
loop_
_entity_poly.entity_id
_entity_poly.type
_entity_poly.pdbx_seq_one_letter_code
_entity_poly.pdbx_strand_id
1 'polypeptide(L)'
;EVQLVETGGGVVQPGRSLRLSCTASGFTFRDYWMSWVRQAPGKGLEWVADIHQDGQVRYYLDAVKGRFTISRDNAKSSLY
LQMNSLGAEDTAVYYCARNFVRGFGWHFDLWGRGTLVTVSSASTKGPSVFPLAPSSKSTSGGTAALGCLVKDYFPEPVTV
SWNSGALTSGVHTFPAVLQSSGLYSLSSVVTVPSSSLGTQTYICNVNHKPSNTKVDKKVEPKSCDKTHT
;
H
2 'polypeptide(L)'
;SYVLTQPPSVSVAPGQTARITCGGTNIGDISVHWYQQRPGQAPLVVVYDDSDRPSGIPERFSGSNSGNTATLTISRVEAG
DEADYYCQVWDDSINAYVFGTGTKVTVLRTVAAPSVFIFPPSDSQLKSGTASVVCLLNNFYPREAKVQWKVDNALQSGNS
QESVTEQDSKDSTYSLSSTLTLSKADYEKHKVYACEVTHQGLSSPVTKSFNRGEC
;
L
3 'polypeptide(L)' ART(M3L)QTARKSTG P
#
loop_
_chem_comp.id
_chem_comp.type
_chem_comp.name
_chem_comp.formula
GOL non-polymer GLYCEROL 'C3 H8 O3'
SO4 non-polymer 'SULFATE ION' 'O4 S -2'
#
# COMPACT_ATOMS: atom_id res chain seq x y z
N GLU A 1 -15.14 -13.81 -9.26
CA GLU A 1 -16.46 -14.30 -8.86
C GLU A 1 -16.51 -14.66 -7.37
N VAL A 2 -15.56 -15.47 -6.91
CA VAL A 2 -15.43 -15.71 -5.47
C VAL A 2 -14.70 -14.53 -4.83
N GLN A 3 -15.37 -13.80 -3.95
CA GLN A 3 -14.77 -12.58 -3.42
C GLN A 3 -15.47 -12.01 -2.22
N LEU A 4 -14.72 -11.20 -1.48
CA LEU A 4 -15.23 -10.46 -0.33
C LEU A 4 -14.98 -8.97 -0.58
N VAL A 5 -15.97 -8.13 -0.27
CA VAL A 5 -15.85 -6.69 -0.53
C VAL A 5 -16.27 -5.85 0.67
N GLU A 6 -15.29 -5.16 1.28
CA GLU A 6 -15.56 -4.31 2.44
C GLU A 6 -16.07 -2.94 2.01
N THR A 7 -17.06 -2.42 2.72
CA THR A 7 -17.49 -1.01 2.61
C THR A 7 -17.75 -0.40 3.98
N GLY A 8 -17.85 0.92 4.02
CA GLY A 8 -18.22 1.62 5.24
C GLY A 8 -17.04 2.27 5.91
N GLY A 9 -15.91 2.32 5.21
CA GLY A 9 -14.71 2.95 5.75
C GLY A 9 -14.73 4.46 5.56
N GLY A 10 -13.65 5.13 5.97
CA GLY A 10 -13.55 6.58 5.86
C GLY A 10 -13.21 7.18 7.21
N VAL A 11 -13.43 8.50 7.35
CA VAL A 11 -13.06 9.19 8.58
C VAL A 11 -14.14 8.97 9.61
N VAL A 12 -13.76 9.00 10.87
CA VAL A 12 -14.72 8.92 11.99
C VAL A 12 -14.12 9.61 13.21
N GLN A 13 -14.95 10.32 13.98
CA GLN A 13 -14.44 11.08 15.13
C GLN A 13 -14.14 10.20 16.31
N PRO A 14 -13.09 10.54 17.07
CA PRO A 14 -12.73 9.76 18.25
C PRO A 14 -13.91 9.69 19.19
N GLY A 15 -14.12 8.55 19.84
CA GLY A 15 -15.29 8.36 20.68
C GLY A 15 -16.57 8.01 19.93
N ARG A 16 -16.60 8.24 18.62
CA ARG A 16 -17.80 7.91 17.85
C ARG A 16 -17.75 6.48 17.27
N SER A 17 -18.73 6.17 16.44
CA SER A 17 -18.99 4.81 15.98
C SER A 17 -18.95 4.70 14.48
N LEU A 18 -18.58 3.53 14.00
CA LEU A 18 -18.60 3.26 12.57
C LEU A 18 -18.92 1.79 12.39
N ARG A 19 -19.66 1.46 11.33
CA ARG A 19 -19.99 0.07 11.09
C ARG A 19 -19.52 -0.34 9.69
N LEU A 20 -18.69 -1.38 9.66
CA LEU A 20 -18.18 -1.90 8.39
C LEU A 20 -19.06 -3.03 7.92
N SER A 21 -19.26 -3.11 6.62
CA SER A 21 -19.98 -4.24 6.04
C SER A 21 -19.02 -5.01 5.15
N CYS A 22 -19.22 -6.32 5.08
CA CYS A 22 -18.48 -7.15 4.13
C CYS A 22 -19.50 -7.98 3.37
N THR A 23 -19.49 -7.84 2.05
CA THR A 23 -20.43 -8.54 1.18
C THR A 23 -19.71 -9.68 0.46
N ALA A 24 -20.17 -10.91 0.70
CA ALA A 24 -19.53 -12.09 0.12
C ALA A 24 -20.24 -12.51 -1.15
N SER A 25 -19.47 -12.92 -2.15
CA SER A 25 -20.03 -13.44 -3.39
C SER A 25 -19.34 -14.72 -3.78
N GLY A 26 -20.03 -15.56 -4.55
CA GLY A 26 -19.38 -16.66 -5.23
C GLY A 26 -19.24 -17.94 -4.43
N PHE A 27 -19.65 -17.92 -3.17
CA PHE A 27 -19.53 -19.13 -2.36
C PHE A 27 -20.67 -19.20 -1.36
N THR A 28 -20.79 -20.32 -0.67
CA THR A 28 -21.89 -20.46 0.29
C THR A 28 -21.45 -19.89 1.65
N PHE A 29 -21.78 -18.61 1.84
CA PHE A 29 -21.36 -17.83 3.00
C PHE A 29 -21.65 -18.47 4.34
N ARG A 30 -22.86 -19.01 4.50
CA ARG A 30 -23.28 -19.59 5.76
C ARG A 30 -22.50 -20.82 6.18
N ASP A 31 -21.65 -21.35 5.29
CA ASP A 31 -20.84 -22.53 5.66
C ASP A 31 -19.54 -22.20 6.39
N TYR A 32 -19.20 -20.92 6.50
CA TYR A 32 -17.88 -20.53 6.99
C TYR A 32 -17.86 -19.63 8.21
N TRP A 33 -16.97 -19.93 9.15
CA TRP A 33 -16.50 -18.91 10.09
C TRP A 33 -15.99 -17.72 9.27
N MET A 34 -16.28 -16.50 9.73
CA MET A 34 -15.79 -15.30 9.06
C MET A 34 -15.10 -14.36 10.07
N SER A 35 -14.12 -13.58 9.58
CA SER A 35 -13.29 -12.81 10.47
C SER A 35 -12.99 -11.40 9.96
N TRP A 36 -12.59 -10.56 10.90
CA TRP A 36 -12.05 -9.24 10.58
C TRP A 36 -10.59 -9.25 11.02
N VAL A 37 -9.73 -8.75 10.16
CA VAL A 37 -8.30 -8.62 10.44
C VAL A 37 -7.90 -7.19 10.05
N ARG A 38 -7.07 -6.53 10.87
CA ARG A 38 -6.75 -5.14 10.56
C ARG A 38 -5.25 -4.90 10.50
N GLN A 39 -4.89 -3.80 9.84
CA GLN A 39 -3.50 -3.44 9.65
C GLN A 39 -3.32 -1.92 9.72
N ALA A 40 -2.75 -1.43 10.81
CA ALA A 40 -2.51 0.01 10.93
C ALA A 40 -1.49 0.39 9.84
N PRO A 41 -1.57 1.63 9.32
CA PRO A 41 -0.64 2.11 8.28
C PRO A 41 0.82 1.76 8.56
N GLY A 42 1.46 1.05 7.65
CA GLY A 42 2.85 0.66 7.84
C GLY A 42 3.09 -0.38 8.93
N LYS A 43 2.04 -0.99 9.47
CA LYS A 43 2.24 -1.98 10.53
C LYS A 43 1.91 -3.39 10.06
N GLY A 44 1.90 -4.34 11.00
CA GLY A 44 1.63 -5.73 10.68
C GLY A 44 0.16 -6.08 10.77
N LEU A 45 -0.18 -7.28 10.29
CA LEU A 45 -1.54 -7.83 10.38
C LEU A 45 -1.90 -8.04 11.84
N GLU A 46 -3.14 -7.71 12.19
CA GLU A 46 -3.62 -7.94 13.54
C GLU A 46 -5.02 -8.53 13.48
N TRP A 47 -5.19 -9.73 14.04
CA TRP A 47 -6.53 -10.33 14.08
C TRP A 47 -7.48 -9.54 14.99
N VAL A 48 -8.72 -9.38 14.54
CA VAL A 48 -9.68 -8.57 15.29
C VAL A 48 -10.82 -9.42 15.89
N ALA A 49 -11.51 -10.21 15.06
CA ALA A 49 -12.66 -11.01 15.52
C ALA A 49 -13.05 -12.17 14.59
N ASP A 50 -13.60 -13.24 15.19
CA ASP A 50 -14.24 -14.35 14.44
C ASP A 50 -15.72 -14.46 14.72
N ILE A 51 -16.49 -14.88 13.73
CA ILE A 51 -17.87 -15.24 14.01
C ILE A 51 -18.25 -16.59 13.37
N HIS A 52 -18.83 -17.45 14.21
CA HIS A 52 -19.28 -18.79 13.84
C HIS A 52 -20.33 -18.71 12.76
N GLN A 53 -20.51 -19.81 12.01
CA GLN A 53 -21.50 -19.84 10.92
C GLN A 53 -22.90 -19.32 11.32
N ASP A 54 -23.33 -19.62 12.53
CA ASP A 54 -24.70 -19.33 12.94
C ASP A 54 -24.80 -18.04 13.75
N GLY A 55 -23.71 -17.29 13.82
CA GLY A 55 -23.76 -15.91 14.29
C GLY A 55 -23.68 -15.61 15.78
N GLN A 56 -23.67 -16.64 16.62
CA GLN A 56 -23.68 -16.40 18.06
C GLN A 56 -22.30 -16.58 18.71
N VAL A 57 -21.61 -17.67 18.44
CA VAL A 57 -20.26 -17.81 18.98
C VAL A 57 -19.31 -16.82 18.29
N ARG A 58 -18.62 -16.01 19.08
CA ARG A 58 -17.78 -14.93 18.59
C ARG A 58 -16.53 -14.77 19.44
N TYR A 59 -15.39 -14.49 18.81
CA TYR A 59 -14.14 -14.26 19.55
C TYR A 59 -13.59 -12.87 19.20
N TYR A 60 -12.92 -12.23 20.17
CA TYR A 60 -12.42 -10.88 19.98
C TYR A 60 -10.98 -10.73 20.46
N LEU A 61 -10.23 -9.89 19.76
CA LEU A 61 -8.99 -9.37 20.29
C LEU A 61 -9.32 -8.64 21.59
N ASP A 62 -8.49 -8.82 22.61
CA ASP A 62 -8.66 -8.11 23.89
C ASP A 62 -8.85 -6.62 23.76
N ALA A 63 -7.99 -5.97 22.98
CA ALA A 63 -8.01 -4.52 22.85
C ALA A 63 -9.31 -3.97 22.27
N VAL A 64 -10.15 -4.82 21.70
CA VAL A 64 -11.42 -4.32 21.14
C VAL A 64 -12.64 -4.92 21.83
N LYS A 65 -12.39 -5.84 22.75
CA LYS A 65 -13.47 -6.47 23.51
C LYS A 65 -14.23 -5.44 24.33
N GLY A 66 -15.54 -5.35 24.11
CA GLY A 66 -16.32 -4.34 24.80
C GLY A 66 -16.69 -3.17 23.90
N ARG A 67 -15.85 -2.87 22.92
CA ARG A 67 -16.12 -1.75 22.01
C ARG A 67 -16.56 -2.22 20.62
N PHE A 68 -16.09 -3.40 20.19
CA PHE A 68 -16.41 -3.89 18.86
C PHE A 68 -17.43 -5.03 18.93
N THR A 69 -18.35 -5.05 17.97
CA THR A 69 -19.27 -6.18 17.84
C THR A 69 -19.25 -6.77 16.42
N ILE A 70 -18.92 -8.05 16.31
CA ILE A 70 -18.97 -8.73 15.01
C ILE A 70 -20.34 -9.43 14.86
N SER A 71 -20.95 -9.33 13.70
CA SER A 71 -22.26 -9.94 13.47
C SER A 71 -22.39 -10.34 12.01
N ARG A 72 -23.44 -11.06 11.66
CA ARG A 72 -23.56 -11.52 10.28
C ARG A 72 -25.01 -11.71 9.86
N ASP A 73 -25.25 -11.64 8.56
CA ASP A 73 -26.58 -11.87 8.01
C ASP A 73 -26.42 -12.84 6.85
N ASN A 74 -26.64 -14.12 7.10
CA ASN A 74 -26.38 -15.14 6.09
C ASN A 74 -27.32 -14.98 4.90
N ALA A 75 -28.57 -14.64 5.17
CA ALA A 75 -29.51 -14.36 4.09
C ALA A 75 -28.96 -13.28 3.13
N LYS A 76 -28.19 -12.34 3.66
CA LYS A 76 -27.63 -11.25 2.84
C LYS A 76 -26.18 -11.54 2.44
N SER A 77 -25.67 -12.68 2.89
CA SER A 77 -24.28 -13.07 2.66
C SER A 77 -23.36 -11.93 3.10
N SER A 78 -23.58 -11.43 4.31
CA SER A 78 -22.86 -10.25 4.76
C SER A 78 -22.31 -10.36 6.16
N LEU A 79 -21.11 -9.82 6.33
CA LEU A 79 -20.43 -9.74 7.62
C LEU A 79 -20.39 -8.27 8.08
N TYR A 80 -20.60 -8.02 9.38
CA TYR A 80 -20.56 -6.65 9.90
C TYR A 80 -19.57 -6.50 11.03
N LEU A 81 -18.98 -5.30 11.17
CA LEU A 81 -18.21 -4.98 12.35
C LEU A 81 -18.66 -3.62 12.90
N GLN A 82 -19.31 -3.65 14.06
CA GLN A 82 -19.80 -2.44 14.70
C GLN A 82 -18.68 -1.94 15.62
N MET A 83 -18.09 -0.81 15.26
CA MET A 83 -16.99 -0.25 16.05
C MET A 83 -17.44 0.95 16.86
N ASN A 84 -17.30 0.87 18.18
CA ASN A 84 -17.65 1.99 19.08
C ASN A 84 -16.44 2.49 19.86
N SER A 85 -16.57 3.70 20.39
CA SER A 85 -15.52 4.32 21.20
C SER A 85 -14.18 4.27 20.51
N LEU A 86 -14.16 4.70 19.25
CA LEU A 86 -12.97 4.59 18.44
C LEU A 86 -11.87 5.53 18.92
N GLY A 87 -10.64 5.07 18.81
CA GLY A 87 -9.46 5.88 19.12
C GLY A 87 -8.42 5.76 18.03
N ALA A 88 -7.33 6.51 18.16
CA ALA A 88 -6.28 6.51 17.13
C ALA A 88 -5.67 5.13 16.90
N GLU A 89 -5.67 4.28 17.92
CA GLU A 89 -5.11 2.94 17.81
C GLU A 89 -5.98 2.04 16.92
N ASP A 90 -7.18 2.47 16.60
CA ASP A 90 -8.09 1.68 15.79
C ASP A 90 -7.98 2.07 14.33
N THR A 91 -7.24 3.13 14.05
CA THR A 91 -7.01 3.54 12.67
C THR A 91 -6.25 2.43 11.94
N ALA A 92 -6.85 1.90 10.88
CA ALA A 92 -6.26 0.77 10.15
C ALA A 92 -7.05 0.44 8.93
N VAL A 93 -6.45 -0.34 8.03
CA VAL A 93 -7.19 -1.02 6.98
C VAL A 93 -7.88 -2.23 7.62
N TYR A 94 -9.18 -2.38 7.40
CA TYR A 94 -9.90 -3.52 7.96
C TYR A 94 -10.22 -4.51 6.85
N TYR A 95 -9.72 -5.73 6.99
CA TYR A 95 -9.94 -6.82 6.04
C TYR A 95 -11.02 -7.77 6.51
N CYS A 96 -11.90 -8.11 5.59
CA CYS A 96 -12.82 -9.20 5.76
C CYS A 96 -12.07 -10.49 5.34
N ALA A 97 -12.13 -11.56 6.13
CA ALA A 97 -11.43 -12.81 5.77
C ALA A 97 -12.22 -14.10 6.08
N ARG A 98 -12.15 -15.05 5.17
CA ARG A 98 -12.82 -16.35 5.34
C ARG A 98 -11.92 -17.32 6.09
N ASN A 99 -12.49 -18.03 7.07
CA ASN A 99 -11.75 -19.07 7.84
C ASN A 99 -11.86 -20.44 7.17
N PHE A 100 -10.76 -21.19 7.16
CA PHE A 100 -10.76 -22.53 6.57
C PHE A 100 -9.67 -23.39 7.17
N VAL A 101 -9.99 -24.66 7.41
CA VAL A 101 -8.96 -25.67 7.68
C VAL A 101 -9.13 -26.73 6.61
N ARG A 102 -8.08 -26.96 5.85
CA ARG A 102 -8.14 -27.95 4.81
C ARG A 102 -7.63 -29.27 5.40
N GLY A 103 -6.32 -29.38 5.57
CA GLY A 103 -5.74 -30.58 6.15
C GLY A 103 -5.66 -30.53 7.66
N PHE A 104 -4.96 -29.51 8.19
CA PHE A 104 -4.54 -29.53 9.59
C PHE A 104 -4.88 -28.29 10.41
N GLY A 105 -4.60 -27.11 9.87
CA GLY A 105 -4.66 -25.89 10.66
C GLY A 105 -5.57 -24.82 10.11
N TRP A 106 -6.25 -24.12 11.02
CA TRP A 106 -7.14 -23.03 10.62
C TRP A 106 -6.35 -21.83 10.12
N HIS A 107 -6.75 -21.33 8.95
CA HIS A 107 -6.15 -20.13 8.38
C HIS A 107 -7.21 -19.34 7.61
N PHE A 108 -6.77 -18.28 6.94
CA PHE A 108 -7.66 -17.43 6.17
C PHE A 108 -7.41 -17.65 4.69
N ASP A 109 -8.38 -18.21 3.98
CA ASP A 109 -8.12 -18.65 2.61
C ASP A 109 -8.73 -17.73 1.56
N LEU A 110 -9.35 -16.65 2.02
CA LEU A 110 -9.97 -15.68 1.13
C LEU A 110 -9.99 -14.32 1.85
N TRP A 111 -9.49 -13.28 1.17
CA TRP A 111 -9.43 -11.94 1.76
C TRP A 111 -10.14 -10.93 0.90
N GLY A 112 -10.72 -9.90 1.53
CA GLY A 112 -11.20 -8.75 0.78
C GLY A 112 -10.02 -7.83 0.48
N ARG A 113 -10.24 -6.77 -0.29
CA ARG A 113 -9.15 -5.82 -0.56
C ARG A 113 -8.97 -4.83 0.59
N GLY A 114 -9.91 -4.82 1.53
CA GLY A 114 -9.75 -3.98 2.71
C GLY A 114 -10.26 -2.55 2.56
N THR A 115 -10.66 -1.96 3.69
CA THR A 115 -11.10 -0.56 3.68
C THR A 115 -10.46 0.18 4.86
N LEU A 116 -9.97 1.40 4.60
CA LEU A 116 -9.24 2.16 5.63
C LEU A 116 -10.17 3.00 6.49
N VAL A 117 -10.11 2.77 7.80
CA VAL A 117 -10.83 3.58 8.77
C VAL A 117 -9.84 4.55 9.43
N THR A 118 -10.14 5.84 9.36
CA THR A 118 -9.26 6.85 9.95
C THR A 118 -9.96 7.53 11.11
N VAL A 119 -9.46 7.33 12.33
CA VAL A 119 -10.08 8.00 13.47
C VAL A 119 -9.44 9.38 13.63
N SER A 120 -10.24 10.42 13.43
CA SER A 120 -9.75 11.80 13.39
C SER A 120 -10.87 12.80 13.66
N SER A 121 -10.52 13.93 14.27
CA SER A 121 -11.50 14.97 14.58
C SER A 121 -11.83 15.81 13.35
N ALA A 122 -11.03 15.66 12.31
CA ALA A 122 -11.12 16.53 11.14
C ALA A 122 -12.08 16.04 10.06
N SER A 123 -12.65 17.01 9.37
CA SER A 123 -13.63 16.78 8.34
C SER A 123 -12.94 16.23 7.11
N THR A 124 -13.69 15.45 6.34
CA THR A 124 -13.18 14.92 5.09
CA THR A 124 -13.15 14.92 5.11
C THR A 124 -12.91 16.07 4.14
N LYS A 125 -11.95 15.91 3.24
CA LYS A 125 -11.68 16.94 2.26
C LYS A 125 -11.17 16.30 0.98
N GLY A 126 -11.90 16.51 -0.11
CA GLY A 126 -11.55 15.91 -1.38
C GLY A 126 -10.38 16.65 -2.00
N PRO A 127 -9.66 16.00 -2.93
CA PRO A 127 -8.42 16.55 -3.48
C PRO A 127 -8.62 17.49 -4.66
N SER A 128 -7.62 18.31 -4.92
CA SER A 128 -7.50 19.00 -6.20
C SER A 128 -6.51 18.23 -7.08
N VAL A 129 -6.85 18.05 -8.36
CA VAL A 129 -5.99 17.29 -9.26
C VAL A 129 -5.38 18.19 -10.32
N PHE A 130 -4.06 18.24 -10.38
CA PHE A 130 -3.35 19.09 -11.34
C PHE A 130 -2.47 18.24 -12.24
N PRO A 131 -2.35 18.66 -13.51
CA PRO A 131 -1.56 17.87 -14.47
C PRO A 131 -0.06 18.05 -14.28
N LEU A 132 0.68 16.95 -14.43
CA LEU A 132 2.11 17.01 -14.56
C LEU A 132 2.41 16.78 -16.03
N ALA A 133 2.55 17.88 -16.77
CA ALA A 133 2.60 17.85 -18.23
C ALA A 133 3.99 17.55 -18.78
N PRO A 134 4.05 16.70 -19.81
CA PRO A 134 5.32 16.22 -20.38
C PRO A 134 6.09 17.31 -21.13
N SER A 135 7.41 17.30 -20.99
CA SER A 135 8.27 18.20 -21.77
C SER A 135 8.52 17.62 -23.15
N SER A 136 8.00 18.28 -24.18
CA SER A 136 8.14 17.79 -25.55
C SER A 136 9.32 18.46 -26.24
N GLY A 141 14.99 10.11 -23.31
CA GLY A 141 15.46 9.70 -24.62
C GLY A 141 14.53 8.68 -25.27
N GLY A 142 13.60 9.17 -26.08
CA GLY A 142 12.56 8.34 -26.66
C GLY A 142 11.40 8.16 -25.68
N THR A 143 11.66 8.44 -24.41
CA THR A 143 10.66 8.31 -23.35
C THR A 143 10.30 9.66 -22.72
N ALA A 144 9.01 9.96 -22.66
CA ALA A 144 8.53 11.14 -21.95
C ALA A 144 7.77 10.74 -20.69
N ALA A 145 7.80 11.63 -19.69
CA ALA A 145 7.09 11.39 -18.44
C ALA A 145 5.95 12.38 -18.27
N LEU A 146 4.85 11.89 -17.71
CA LEU A 146 3.69 12.72 -17.43
C LEU A 146 2.96 12.16 -16.21
N GLY A 147 2.03 12.94 -15.64
CA GLY A 147 1.29 12.44 -14.50
C GLY A 147 0.28 13.40 -13.93
N CYS A 148 -0.22 13.06 -12.75
CA CYS A 148 -1.18 13.90 -12.04
C CYS A 148 -0.68 14.16 -10.63
N LEU A 149 -0.93 15.38 -10.14
CA LEU A 149 -0.62 15.74 -8.77
C LEU A 149 -1.92 15.86 -8.00
N VAL A 150 -2.08 15.01 -7.00
CA VAL A 150 -3.31 14.93 -6.21
C VAL A 150 -3.07 15.59 -4.88
N LYS A 151 -3.68 16.75 -4.69
CA LYS A 151 -3.24 17.62 -3.60
C LYS A 151 -4.32 17.90 -2.57
N ASP A 152 -3.89 17.94 -1.31
CA ASP A 152 -4.70 18.49 -0.21
C ASP A 152 -5.98 17.74 0.05
N TYR A 153 -5.87 16.44 0.31
CA TYR A 153 -7.04 15.66 0.67
C TYR A 153 -6.90 15.08 2.09
N PHE A 154 -8.00 14.60 2.64
CA PHE A 154 -8.00 13.99 3.96
C PHE A 154 -9.30 13.26 4.18
N PRO A 155 -9.24 12.07 4.80
CA PRO A 155 -8.05 11.30 5.16
C PRO A 155 -7.55 10.49 3.96
N GLU A 156 -6.60 9.58 4.18
CA GLU A 156 -6.26 8.60 3.15
C GLU A 156 -7.46 7.68 2.94
N PRO A 157 -7.52 6.93 1.81
CA PRO A 157 -6.56 6.93 0.70
C PRO A 157 -7.11 7.52 -0.58
N VAL A 158 -6.20 7.85 -1.47
CA VAL A 158 -6.54 8.14 -2.85
C VAL A 158 -6.06 6.96 -3.73
N THR A 159 -6.85 6.56 -4.74
CA THR A 159 -6.34 5.65 -5.76
C THR A 159 -6.31 6.37 -7.09
N VAL A 160 -5.34 6.01 -7.91
CA VAL A 160 -5.20 6.57 -9.23
C VAL A 160 -5.03 5.44 -10.22
N SER A 161 -5.80 5.48 -11.29
CA SER A 161 -5.56 4.63 -12.45
C SER A 161 -5.34 5.54 -13.65
N TRP A 162 -4.95 4.94 -14.76
CA TRP A 162 -4.66 5.67 -15.99
C TRP A 162 -5.42 5.07 -17.16
N ASN A 163 -6.11 5.94 -17.90
CA ASN A 163 -7.00 5.51 -18.99
C ASN A 163 -7.92 4.38 -18.55
N SER A 164 -8.63 4.64 -17.46
CA SER A 164 -9.65 3.74 -16.90
C SER A 164 -9.17 2.31 -16.72
N GLY A 165 -7.86 2.12 -16.58
CA GLY A 165 -7.32 0.80 -16.30
C GLY A 165 -6.49 0.22 -17.44
N ALA A 166 -6.62 0.82 -18.62
CA ALA A 166 -5.91 0.32 -19.79
C ALA A 166 -4.40 0.49 -19.64
N LEU A 167 -3.99 1.64 -19.11
CA LEU A 167 -2.56 1.95 -18.97
C LEU A 167 -2.05 1.51 -17.60
N THR A 168 -1.21 0.47 -17.58
CA THR A 168 -0.63 -0.01 -16.34
C THR A 168 0.88 -0.05 -16.38
N SER A 169 1.44 -0.22 -17.58
CA SER A 169 2.90 -0.34 -17.72
C SER A 169 3.58 0.99 -17.45
N GLY A 170 4.63 0.95 -16.62
CA GLY A 170 5.39 2.15 -16.31
C GLY A 170 4.70 3.16 -15.39
N VAL A 171 3.62 2.73 -14.73
CA VAL A 171 2.93 3.58 -13.78
C VAL A 171 3.58 3.52 -12.39
N HIS A 172 3.83 4.69 -11.82
CA HIS A 172 4.25 4.80 -10.42
C HIS A 172 3.34 5.76 -9.67
N THR A 173 2.58 5.21 -8.73
CA THR A 173 1.78 6.02 -7.82
C THR A 173 2.44 6.04 -6.45
N PHE A 174 2.98 7.20 -6.09
CA PHE A 174 3.79 7.35 -4.89
C PHE A 174 2.96 7.31 -3.63
N PRO A 175 3.57 6.87 -2.52
CA PRO A 175 2.93 6.99 -1.21
C PRO A 175 2.62 8.46 -0.95
N ALA A 176 1.50 8.76 -0.29
CA ALA A 176 1.17 10.15 0.03
C ALA A 176 2.22 10.72 0.97
N VAL A 177 2.48 12.02 0.89
CA VAL A 177 3.22 12.65 1.98
C VAL A 177 2.28 13.54 2.78
N LEU A 178 2.54 13.61 4.07
CA LEU A 178 1.76 14.44 4.97
C LEU A 178 2.36 15.84 4.93
N GLN A 179 1.58 16.81 4.44
CA GLN A 179 2.07 18.17 4.26
C GLN A 179 2.00 18.93 5.56
N SER A 180 2.67 20.08 5.61
CA SER A 180 2.68 20.92 6.81
C SER A 180 1.29 21.46 7.14
N SER A 181 0.41 21.48 6.14
CA SER A 181 -0.99 21.88 6.32
C SER A 181 -1.82 20.80 7.01
N GLY A 182 -1.27 19.59 7.10
CA GLY A 182 -1.96 18.49 7.77
C GLY A 182 -2.78 17.70 6.78
N LEU A 183 -2.70 18.09 5.51
CA LEU A 183 -3.38 17.39 4.45
C LEU A 183 -2.37 16.56 3.67
N TYR A 184 -2.87 15.53 2.99
CA TYR A 184 -2.00 14.64 2.21
C TYR A 184 -1.84 15.12 0.79
N SER A 185 -0.76 14.68 0.17
CA SER A 185 -0.55 14.95 -1.23
C SER A 185 0.19 13.76 -1.86
N LEU A 186 -0.13 13.48 -3.11
CA LEU A 186 0.36 12.29 -3.79
C LEU A 186 0.55 12.60 -5.28
N SER A 187 1.55 12.00 -5.90
CA SER A 187 1.68 12.08 -7.35
CA SER A 187 1.66 12.09 -7.35
C SER A 187 1.61 10.71 -7.97
N SER A 188 1.03 10.63 -9.17
CA SER A 188 1.04 9.39 -9.93
C SER A 188 1.63 9.76 -11.27
N VAL A 189 2.66 9.05 -11.71
CA VAL A 189 3.32 9.37 -12.95
C VAL A 189 3.38 8.16 -13.84
N VAL A 190 3.70 8.36 -15.10
CA VAL A 190 3.82 7.27 -16.04
C VAL A 190 4.74 7.70 -17.18
N THR A 191 5.65 6.81 -17.54
CA THR A 191 6.55 7.05 -18.66
C THR A 191 5.99 6.38 -19.90
N VAL A 192 5.88 7.14 -20.97
CA VAL A 192 5.35 6.65 -22.23
C VAL A 192 6.28 7.09 -23.37
N PRO A 193 6.25 6.37 -24.51
CA PRO A 193 7.02 6.81 -25.67
C PRO A 193 6.65 8.22 -26.10
N SER A 194 7.64 9.05 -26.40
CA SER A 194 7.40 10.43 -26.78
C SER A 194 6.49 10.51 -28.00
N SER A 195 6.68 9.56 -28.92
CA SER A 195 5.97 9.57 -30.21
C SER A 195 4.46 9.34 -30.08
N SER A 196 3.94 9.39 -28.87
CA SER A 196 2.51 9.22 -28.64
C SER A 196 1.90 10.47 -28.02
N LEU A 197 2.76 11.42 -27.66
CA LEU A 197 2.31 12.62 -26.98
C LEU A 197 1.27 13.40 -27.80
N GLY A 198 1.45 13.41 -29.12
CA GLY A 198 0.49 14.06 -29.99
C GLY A 198 -0.63 13.15 -30.44
N THR A 199 -0.51 11.86 -30.12
CA THR A 199 -1.45 10.87 -30.63
C THR A 199 -2.35 10.32 -29.54
N GLN A 200 -1.75 9.70 -28.53
CA GLN A 200 -2.47 8.98 -27.49
C GLN A 200 -2.99 9.92 -26.40
N THR A 201 -4.21 9.67 -25.95
CA THR A 201 -4.82 10.47 -24.90
C THR A 201 -4.52 9.90 -23.51
N TYR A 202 -4.12 10.77 -22.59
CA TYR A 202 -3.76 10.32 -21.25
C TYR A 202 -4.63 10.95 -20.19
N ILE A 203 -5.46 10.11 -19.57
CA ILE A 203 -6.39 10.54 -18.53
C ILE A 203 -6.06 9.84 -17.22
N CYS A 204 -5.84 10.61 -16.16
CA CYS A 204 -5.69 9.99 -14.85
C CYS A 204 -7.05 9.95 -14.17
N ASN A 205 -7.35 8.83 -13.53
CA ASN A 205 -8.63 8.66 -12.85
C ASN A 205 -8.44 8.58 -11.35
N VAL A 206 -8.84 9.65 -10.67
CA VAL A 206 -8.60 9.78 -9.25
C VAL A 206 -9.85 9.48 -8.45
N ASN A 207 -9.70 8.66 -7.42
CA ASN A 207 -10.81 8.29 -6.57
C ASN A 207 -10.44 8.53 -5.11
N HIS A 208 -11.18 9.42 -4.47
CA HIS A 208 -11.08 9.64 -3.04
C HIS A 208 -12.39 9.20 -2.40
N LYS A 209 -12.50 7.91 -2.11
CA LYS A 209 -13.74 7.38 -1.53
C LYS A 209 -14.20 8.04 -0.22
N PRO A 210 -13.27 8.41 0.69
CA PRO A 210 -13.75 9.04 1.94
C PRO A 210 -14.59 10.29 1.75
N SER A 211 -14.40 11.02 0.65
CA SER A 211 -15.20 12.22 0.36
C SER A 211 -16.08 12.02 -0.85
N ASN A 212 -16.23 10.77 -1.30
CA ASN A 212 -16.99 10.47 -2.50
C ASN A 212 -16.62 11.37 -3.67
N THR A 213 -15.31 11.53 -3.88
CA THR A 213 -14.82 12.40 -4.94
C THR A 213 -14.12 11.58 -6.02
N LYS A 214 -14.51 11.81 -7.26
CA LYS A 214 -13.89 11.15 -8.40
C LYS A 214 -13.58 12.18 -9.46
N VAL A 215 -12.30 12.27 -9.83
CA VAL A 215 -11.88 13.25 -10.80
C VAL A 215 -11.10 12.55 -11.90
N ASP A 216 -11.38 12.91 -13.14
CA ASP A 216 -10.58 12.50 -14.28
C ASP A 216 -9.85 13.73 -14.76
N LYS A 217 -8.62 13.58 -15.22
CA LYS A 217 -7.91 14.71 -15.81
C LYS A 217 -7.05 14.24 -16.95
N LYS A 218 -7.19 14.93 -18.08
CA LYS A 218 -6.38 14.60 -19.23
C LYS A 218 -5.14 15.49 -19.24
N VAL A 219 -4.01 14.91 -19.60
CA VAL A 219 -2.74 15.61 -19.50
C VAL A 219 -2.12 15.76 -20.88
N GLU A 220 -1.77 17.00 -21.24
CA GLU A 220 -1.14 17.31 -22.52
C GLU A 220 0.19 18.03 -22.36
N PRO A 221 1.01 18.00 -23.43
CA PRO A 221 2.05 19.03 -23.57
C PRO A 221 1.35 20.37 -23.79
N LYS A 222 1.94 21.51 -23.45
CA LYS A 222 1.22 22.78 -23.57
C LYS A 222 1.55 23.56 -24.86
N SER A 223 2.79 24.01 -24.99
CA SER A 223 3.30 24.69 -26.20
C SER A 223 4.81 24.93 -26.09
N LEU B 4 4.43 -13.53 17.42
CA LEU B 4 5.46 -14.39 16.82
C LEU B 4 6.55 -13.51 16.22
N THR B 5 7.81 -13.91 16.33
CA THR B 5 8.92 -13.04 15.98
C THR B 5 9.48 -13.33 14.60
N GLN B 6 9.55 -12.28 13.78
CA GLN B 6 10.17 -12.37 12.45
C GLN B 6 11.23 -11.29 12.26
N PRO B 7 12.31 -11.62 11.54
CA PRO B 7 13.24 -10.57 11.13
C PRO B 7 12.51 -9.51 10.33
N PRO B 8 12.78 -8.22 10.61
CA PRO B 8 12.16 -7.12 9.85
C PRO B 8 12.40 -7.22 8.35
N SER B 9 13.59 -7.65 7.93
CA SER B 9 13.87 -7.76 6.51
C SER B 9 14.88 -8.85 6.17
N VAL B 10 14.76 -9.32 4.94
CA VAL B 10 15.69 -10.28 4.40
C VAL B 10 15.96 -9.78 2.99
N SER B 11 17.22 -9.75 2.57
CA SER B 11 17.51 -9.43 1.18
C SER B 11 18.31 -10.56 0.57
N VAL B 12 18.12 -10.73 -0.74
CA VAL B 12 18.66 -11.88 -1.44
C VAL B 12 18.90 -11.48 -2.90
N ALA B 13 19.91 -12.08 -3.51
CA ALA B 13 20.20 -11.83 -4.93
C ALA B 13 19.28 -12.69 -5.76
N PRO B 14 18.95 -12.24 -6.98
CA PRO B 14 18.05 -13.00 -7.84
C PRO B 14 18.60 -14.40 -8.09
N GLY B 15 17.73 -15.39 -8.18
CA GLY B 15 18.18 -16.77 -8.35
C GLY B 15 18.64 -17.46 -7.07
N GLN B 16 18.90 -16.69 -6.03
CA GLN B 16 19.33 -17.28 -4.77
C GLN B 16 18.15 -17.48 -3.81
N THR B 17 18.44 -17.87 -2.57
CA THR B 17 17.41 -18.41 -1.69
C THR B 17 17.14 -17.53 -0.51
N ALA B 18 15.88 -17.17 -0.32
CA ALA B 18 15.50 -16.37 0.85
C ALA B 18 14.94 -17.27 1.94
N ARG B 19 15.43 -17.07 3.17
CA ARG B 19 14.91 -17.80 4.31
C ARG B 19 14.30 -16.86 5.33
N ILE B 20 13.02 -17.08 5.63
CA ILE B 20 12.29 -16.21 6.53
C ILE B 20 11.81 -16.99 7.73
N THR B 21 12.35 -16.69 8.90
CA THR B 21 12.00 -17.45 10.10
C THR B 21 10.84 -16.83 10.88
N CYS B 22 10.18 -17.69 11.65
CA CYS B 22 9.04 -17.31 12.46
C CYS B 22 9.24 -17.99 13.81
N GLY B 23 9.53 -17.20 14.83
CA GLY B 23 9.87 -17.72 16.15
C GLY B 23 8.72 -17.64 17.14
N GLY B 24 8.57 -18.70 17.94
CA GLY B 24 7.55 -18.75 18.98
C GLY B 24 7.73 -20.05 19.74
N THR B 25 7.50 -20.02 21.04
CA THR B 25 7.74 -21.19 21.87
C THR B 25 6.88 -22.38 21.45
N ASN B 26 7.54 -23.49 21.12
CA ASN B 26 6.90 -24.74 20.72
C ASN B 26 5.97 -24.59 19.52
N ILE B 27 6.30 -23.65 18.65
CA ILE B 27 5.51 -23.40 17.45
C ILE B 27 5.56 -24.64 16.56
N GLY B 28 6.62 -25.43 16.67
CA GLY B 28 6.73 -26.66 15.91
C GLY B 28 5.64 -27.65 16.22
N ASP B 29 4.94 -27.47 17.34
CA ASP B 29 3.93 -28.43 17.81
C ASP B 29 2.60 -28.25 17.11
N ILE B 30 2.43 -27.14 16.40
CA ILE B 30 1.18 -26.87 15.69
C ILE B 30 1.45 -26.46 14.24
N SER B 31 0.38 -26.24 13.48
CA SER B 31 0.48 -25.84 12.09
C SER B 31 0.76 -24.35 11.93
N VAL B 32 1.63 -24.02 10.98
CA VAL B 32 1.98 -22.64 10.65
C VAL B 32 1.61 -22.36 9.20
N HIS B 33 1.12 -21.15 8.93
CA HIS B 33 0.77 -20.76 7.59
C HIS B 33 1.47 -19.45 7.25
N TRP B 34 1.64 -19.16 5.97
CA TRP B 34 2.38 -17.97 5.54
C TRP B 34 1.61 -17.18 4.48
N TYR B 35 1.51 -15.88 4.70
CA TYR B 35 0.89 -14.98 3.74
C TYR B 35 1.92 -14.06 3.05
N GLN B 36 1.74 -13.86 1.76
CA GLN B 36 2.49 -12.86 1.02
C GLN B 36 1.62 -11.61 0.88
N GLN B 37 2.18 -10.44 1.17
CA GLN B 37 1.44 -9.20 0.97
C GLN B 37 2.23 -8.20 0.16
N ARG B 38 1.76 -7.91 -1.05
CA ARG B 38 2.34 -6.85 -1.86
C ARG B 38 1.75 -5.53 -1.39
N PRO B 39 2.53 -4.45 -1.51
CA PRO B 39 2.10 -3.13 -1.01
C PRO B 39 0.72 -2.75 -1.57
N GLY B 40 -0.18 -2.33 -0.68
CA GLY B 40 -1.52 -1.94 -1.09
C GLY B 40 -2.46 -3.07 -1.50
N GLN B 41 -1.97 -4.31 -1.42
CA GLN B 41 -2.76 -5.50 -1.77
C GLN B 41 -3.21 -6.31 -0.55
N ALA B 42 -4.18 -7.20 -0.76
CA ALA B 42 -4.58 -8.16 0.28
C ALA B 42 -3.54 -9.26 0.47
N PRO B 43 -3.38 -9.74 1.72
CA PRO B 43 -2.58 -10.94 1.96
C PRO B 43 -3.07 -12.11 1.15
N LEU B 44 -2.14 -12.98 0.79
CA LEU B 44 -2.39 -14.13 -0.07
C LEU B 44 -1.64 -15.32 0.53
N VAL B 45 -2.31 -16.46 0.72
CA VAL B 45 -1.65 -17.67 1.23
C VAL B 45 -0.61 -18.15 0.23
N VAL B 46 0.64 -18.32 0.66
CA VAL B 46 1.60 -18.97 -0.23
C VAL B 46 2.04 -20.35 0.30
N VAL B 47 2.06 -20.50 1.62
CA VAL B 47 2.29 -21.80 2.24
C VAL B 47 1.35 -21.96 3.44
N TYR B 48 0.70 -23.12 3.54
CA TYR B 48 -0.18 -23.40 4.66
C TYR B 48 0.05 -24.82 5.18
N ASP B 49 -0.40 -25.09 6.41
CA ASP B 49 -0.20 -26.39 7.04
C ASP B 49 1.28 -26.78 7.00
N ASP B 50 2.13 -25.84 7.47
CA ASP B 50 3.59 -26.00 7.53
C ASP B 50 4.30 -25.95 6.17
N SER B 51 3.77 -26.65 5.16
CA SER B 51 4.58 -26.90 3.97
C SER B 51 3.81 -27.20 2.70
N ASP B 52 2.50 -27.07 2.73
CA ASP B 52 1.71 -27.27 1.51
C ASP B 52 1.57 -25.94 0.75
N ARG B 53 1.34 -26.05 -0.55
CA ARG B 53 1.15 -24.89 -1.42
C ARG B 53 -0.24 -24.88 -2.02
N PRO B 54 -0.93 -23.73 -1.96
CA PRO B 54 -2.17 -23.63 -2.73
C PRO B 54 -1.86 -23.79 -4.22
N SER B 55 -2.85 -24.17 -5.02
CA SER B 55 -2.63 -24.20 -6.45
C SER B 55 -2.37 -22.77 -6.92
N GLY B 56 -1.52 -22.63 -7.93
CA GLY B 56 -1.15 -21.30 -8.39
C GLY B 56 0.21 -20.92 -7.87
N ILE B 57 0.56 -21.39 -6.68
CA ILE B 57 1.80 -20.98 -6.04
C ILE B 57 3.00 -21.82 -6.50
N PRO B 58 4.03 -21.16 -7.03
CA PRO B 58 5.25 -21.81 -7.54
C PRO B 58 5.90 -22.73 -6.52
N GLU B 59 6.49 -23.81 -7.02
CA GLU B 59 7.14 -24.82 -6.20
C GLU B 59 8.37 -24.28 -5.46
N ARG B 60 8.86 -23.10 -5.87
CA ARG B 60 9.97 -22.44 -5.17
C ARG B 60 9.64 -22.03 -3.73
N PHE B 61 8.36 -21.94 -3.42
CA PHE B 61 7.96 -21.63 -2.04
C PHE B 61 7.81 -22.92 -1.24
N SER B 62 8.58 -23.05 -0.19
CA SER B 62 8.42 -24.20 0.68
C SER B 62 8.48 -23.73 2.13
N GLY B 63 8.00 -24.58 3.03
CA GLY B 63 8.02 -24.25 4.44
C GLY B 63 8.44 -25.43 5.29
N SER B 64 9.00 -25.13 6.45
CA SER B 64 9.24 -26.17 7.44
C SER B 64 8.89 -25.59 8.78
N ASN B 65 8.81 -26.46 9.78
CA ASN B 65 8.39 -26.04 11.10
C ASN B 65 8.81 -27.05 12.14
N SER B 66 9.62 -26.60 13.09
CA SER B 66 10.17 -27.49 14.09
C SER B 66 10.63 -26.70 15.29
N GLY B 67 10.57 -27.32 16.46
CA GLY B 67 11.03 -26.69 17.68
C GLY B 67 10.35 -25.37 17.95
N ASN B 68 11.13 -24.30 17.96
CA ASN B 68 10.62 -22.95 18.19
C ASN B 68 10.66 -22.05 16.95
N THR B 69 10.80 -22.65 15.77
CA THR B 69 11.01 -21.87 14.57
C THR B 69 10.38 -22.52 13.35
N ALA B 70 9.47 -21.80 12.73
CA ALA B 70 9.01 -22.17 11.40
C ALA B 70 9.77 -21.32 10.38
N THR B 71 9.97 -21.87 9.20
CA THR B 71 10.75 -21.22 8.18
C THR B 71 10.05 -21.27 6.82
N LEU B 72 9.87 -20.10 6.23
CA LEU B 72 9.48 -19.99 4.84
C LEU B 72 10.74 -19.89 3.99
N THR B 73 10.84 -20.73 2.96
CA THR B 73 11.98 -20.72 2.06
C THR B 73 11.55 -20.36 0.65
N ILE B 74 12.17 -19.32 0.09
CA ILE B 74 11.89 -18.98 -1.31
C ILE B 74 13.15 -19.20 -2.13
N SER B 75 13.11 -20.21 -2.99
CA SER B 75 14.22 -20.56 -3.88
C SER B 75 14.15 -19.76 -5.17
N ARG B 76 15.29 -19.61 -5.84
CA ARG B 76 15.35 -18.98 -7.16
C ARG B 76 14.58 -17.67 -7.17
N VAL B 77 14.90 -16.82 -6.21
CA VAL B 77 14.15 -15.59 -6.00
C VAL B 77 14.12 -14.71 -7.25
N GLU B 78 12.96 -14.13 -7.53
CA GLU B 78 12.83 -13.16 -8.60
C GLU B 78 12.10 -11.91 -8.11
N ALA B 79 12.13 -10.87 -8.92
CA ALA B 79 11.61 -9.57 -8.53
C ALA B 79 10.16 -9.68 -8.04
N GLY B 80 9.39 -10.53 -8.68
CA GLY B 80 8.00 -10.74 -8.30
C GLY B 80 7.79 -11.21 -6.87
N ASP B 81 8.82 -11.72 -6.23
CA ASP B 81 8.70 -12.21 -4.86
C ASP B 81 8.90 -11.12 -3.81
N GLU B 82 9.25 -9.92 -4.23
CA GLU B 82 9.31 -8.76 -3.31
C GLU B 82 7.96 -8.55 -2.68
N ALA B 83 7.92 -8.53 -1.35
CA ALA B 83 6.67 -8.39 -0.60
C ALA B 83 6.95 -8.49 0.89
N ASP B 84 5.91 -8.27 1.70
CA ASP B 84 5.98 -8.62 3.12
C ASP B 84 5.41 -10.04 3.30
N TYR B 85 6.01 -10.81 4.20
CA TYR B 85 5.55 -12.17 4.46
C TYR B 85 5.20 -12.31 5.93
N TYR B 86 4.04 -12.90 6.21
CA TYR B 86 3.61 -13.06 7.58
C TYR B 86 3.37 -14.54 7.89
N CYS B 87 3.90 -15.03 8.99
CA CYS B 87 3.51 -16.35 9.47
C CYS B 87 2.25 -16.17 10.30
N GLN B 88 1.57 -17.27 10.57
CA GLN B 88 0.34 -17.23 11.35
C GLN B 88 0.05 -18.59 11.95
N VAL B 89 -0.37 -18.58 13.21
CA VAL B 89 -0.88 -19.78 13.85
C VAL B 89 -2.24 -19.46 14.44
N TRP B 90 -2.90 -20.48 14.99
CA TRP B 90 -4.09 -20.24 15.82
C TRP B 90 -3.76 -20.68 17.24
N ASP B 91 -4.18 -19.87 18.21
CA ASP B 91 -3.83 -20.10 19.62
C ASP B 91 -5.03 -20.61 20.39
N ASP B 92 -5.04 -21.90 20.73
CA ASP B 92 -6.26 -22.49 21.29
C ASP B 92 -6.48 -22.12 22.76
N SER B 93 -5.47 -21.53 23.38
CA SER B 93 -5.56 -21.19 24.79
C SER B 93 -6.30 -19.88 25.02
N ILE B 94 -6.32 -18.98 24.03
CA ILE B 94 -7.10 -17.76 24.16
C ILE B 94 -8.06 -17.54 22.98
N ASN B 95 -8.24 -18.56 22.15
CA ASN B 95 -9.12 -18.44 20.98
C ASN B 95 -8.79 -17.21 20.13
N ALA B 96 -7.53 -17.11 19.71
CA ALA B 96 -7.13 -15.98 18.90
C ALA B 96 -6.24 -16.46 17.77
N TYR B 97 -6.34 -15.80 16.63
CA TYR B 97 -5.37 -15.95 15.57
C TYR B 97 -4.18 -15.08 15.91
N VAL B 98 -2.98 -15.59 15.66
CA VAL B 98 -1.74 -14.87 15.99
C VAL B 98 -0.88 -14.75 14.73
N PHE B 99 -0.44 -13.52 14.42
CA PHE B 99 0.45 -13.27 13.29
C PHE B 99 1.87 -12.95 13.74
N GLY B 100 2.84 -13.28 12.91
CA GLY B 100 4.19 -12.79 13.11
C GLY B 100 4.24 -11.31 12.74
N THR B 101 5.32 -10.64 13.12
CA THR B 101 5.46 -9.21 12.91
C THR B 101 5.80 -8.86 11.45
N GLY B 102 6.08 -9.86 10.63
CA GLY B 102 6.24 -9.61 9.21
C GLY B 102 7.68 -9.36 8.78
N THR B 103 7.98 -9.78 7.55
CA THR B 103 9.32 -9.67 6.99
C THR B 103 9.28 -9.09 5.59
N LYS B 104 9.97 -7.98 5.36
CA LYS B 104 10.08 -7.47 4.00
C LYS B 104 11.22 -8.16 3.25
N VAL B 105 10.90 -8.76 2.11
CA VAL B 105 11.93 -9.30 1.24
C VAL B 105 12.33 -8.28 0.19
N THR B 106 13.62 -7.96 0.17
CA THR B 106 14.19 -7.10 -0.83
C THR B 106 15.11 -7.90 -1.77
N VAL B 107 14.98 -7.65 -3.07
CA VAL B 107 15.81 -8.32 -4.05
C VAL B 107 16.98 -7.43 -4.45
N LEU B 108 18.20 -7.94 -4.30
CA LEU B 108 19.37 -7.16 -4.67
C LEU B 108 19.43 -7.10 -6.19
N ARG B 109 19.87 -5.99 -6.75
CA ARG B 109 20.15 -5.95 -8.18
C ARG B 109 21.36 -5.05 -8.40
N THR B 110 21.72 -4.86 -9.66
CA THR B 110 22.81 -3.95 -10.01
C THR B 110 22.41 -2.48 -9.83
N VAL B 111 23.38 -1.65 -9.50
CA VAL B 111 23.20 -0.21 -9.52
C VAL B 111 22.54 0.21 -10.84
N ALA B 112 21.62 1.18 -10.77
CA ALA B 112 20.93 1.65 -11.96
C ALA B 112 20.63 3.12 -11.77
N ALA B 113 21.00 3.93 -12.76
CA ALA B 113 20.83 5.38 -12.67
C ALA B 113 19.38 5.77 -12.91
N PRO B 114 18.90 6.79 -12.18
CA PRO B 114 17.56 7.35 -12.39
C PRO B 114 17.41 8.09 -13.71
N SER B 115 16.24 8.03 -14.31
CA SER B 115 15.84 9.01 -15.30
C SER B 115 15.20 10.21 -14.57
N VAL B 116 15.76 11.40 -14.78
CA VAL B 116 15.27 12.58 -14.07
C VAL B 116 14.35 13.44 -14.93
N PHE B 117 13.21 13.83 -14.37
CA PHE B 117 12.27 14.69 -15.06
C PHE B 117 11.84 15.80 -14.11
N ILE B 118 11.63 17.01 -14.63
CA ILE B 118 11.10 18.09 -13.81
C ILE B 118 9.81 18.62 -14.40
N PHE B 119 8.85 18.97 -13.53
CA PHE B 119 7.54 19.41 -13.97
C PHE B 119 7.21 20.75 -13.31
N PRO B 120 6.91 21.78 -14.12
CA PRO B 120 6.45 23.09 -13.62
C PRO B 120 5.06 23.01 -13.03
N PRO B 121 4.72 23.94 -12.13
CA PRO B 121 3.33 23.99 -11.64
C PRO B 121 2.37 24.23 -12.79
N SER B 122 1.18 23.64 -12.72
CA SER B 122 0.22 23.82 -13.78
C SER B 122 -0.33 25.23 -13.72
N ASP B 123 -0.92 25.70 -14.82
CA ASP B 123 -1.58 26.98 -14.81
C ASP B 123 -2.76 26.92 -13.85
N SER B 124 -3.43 25.77 -13.85
CA SER B 124 -4.59 25.51 -13.00
C SER B 124 -4.28 25.79 -11.52
N GLN B 125 -3.16 25.28 -11.03
CA GLN B 125 -2.80 25.40 -9.61
C GLN B 125 -2.40 26.82 -9.23
N LEU B 126 -1.74 27.52 -10.15
CA LEU B 126 -1.26 28.87 -9.88
C LEU B 126 -2.42 29.80 -9.50
N LYS B 127 -3.56 29.65 -10.16
CA LYS B 127 -4.74 30.47 -9.88
C LYS B 127 -5.25 30.30 -8.45
N SER B 128 -4.58 29.45 -7.66
CA SER B 128 -4.98 29.22 -6.28
C SER B 128 -3.93 29.77 -5.32
N GLY B 129 -2.86 30.33 -5.87
CA GLY B 129 -1.85 30.97 -5.06
C GLY B 129 -0.72 30.06 -4.58
N THR B 130 -0.65 28.85 -5.11
CA THR B 130 0.39 27.92 -4.69
C THR B 130 1.09 27.29 -5.90
N ALA B 131 2.42 27.25 -5.84
CA ALA B 131 3.20 26.54 -6.84
C ALA B 131 3.84 25.25 -6.28
N SER B 132 3.51 24.12 -6.91
CA SER B 132 4.18 22.84 -6.64
C SER B 132 5.12 22.49 -7.79
N VAL B 133 6.42 22.38 -7.51
CA VAL B 133 7.36 21.94 -8.55
C VAL B 133 7.80 20.49 -8.23
N VAL B 134 7.59 19.59 -9.18
CA VAL B 134 7.80 18.17 -8.95
C VAL B 134 9.03 17.64 -9.69
N CYS B 135 9.94 17.04 -8.94
CA CYS B 135 11.07 16.36 -9.54
C CYS B 135 10.91 14.85 -9.42
N LEU B 136 11.05 14.16 -10.56
CA LEU B 136 10.85 12.70 -10.64
C LEU B 136 12.17 11.97 -10.93
N LEU B 137 12.52 11.03 -10.04
CA LEU B 137 13.63 10.12 -10.27
C LEU B 137 13.04 8.77 -10.60
N ASN B 138 13.18 8.32 -11.83
CA ASN B 138 12.48 7.12 -12.25
C ASN B 138 13.39 5.90 -12.36
N ASN B 139 13.01 4.83 -11.67
CA ASN B 139 13.63 3.50 -11.82
C ASN B 139 15.14 3.42 -11.61
N PHE B 140 15.54 3.55 -10.36
CA PHE B 140 16.95 3.54 -9.99
C PHE B 140 17.21 2.57 -8.85
N TYR B 141 18.49 2.35 -8.56
CA TYR B 141 18.91 1.41 -7.53
C TYR B 141 20.35 1.75 -7.23
N PRO B 142 20.74 1.77 -5.96
CA PRO B 142 19.94 1.52 -4.76
C PRO B 142 19.03 2.69 -4.38
N ARG B 143 18.31 2.52 -3.28
CA ARG B 143 17.22 3.40 -2.91
C ARG B 143 17.74 4.76 -2.49
N GLU B 144 18.92 4.78 -1.91
CA GLU B 144 19.56 6.00 -1.45
C GLU B 144 19.82 6.97 -2.61
N ALA B 145 19.29 8.19 -2.47
CA ALA B 145 19.45 9.22 -3.49
C ALA B 145 19.41 10.58 -2.81
N LYS B 146 20.12 11.55 -3.37
CA LYS B 146 20.09 12.90 -2.84
C LYS B 146 19.52 13.86 -3.87
N VAL B 147 18.39 14.47 -3.53
CA VAL B 147 17.78 15.45 -4.41
C VAL B 147 17.90 16.85 -3.78
N GLN B 148 18.43 17.79 -4.55
CA GLN B 148 18.61 19.15 -4.08
C GLN B 148 17.99 20.12 -5.05
N TRP B 149 17.12 20.98 -4.52
CA TRP B 149 16.47 22.01 -5.31
C TRP B 149 17.29 23.28 -5.31
N LYS B 150 17.33 23.93 -6.46
CA LYS B 150 17.99 25.23 -6.59
C LYS B 150 17.06 26.16 -7.34
N VAL B 151 16.91 27.36 -6.82
CA VAL B 151 16.06 28.40 -7.41
C VAL B 151 16.95 29.60 -7.68
N ASP B 152 17.07 30.01 -8.95
CA ASP B 152 18.06 31.01 -9.36
C ASP B 152 19.41 30.70 -8.71
N ASN B 153 19.78 29.42 -8.76
CA ASN B 153 21.00 28.87 -8.20
C ASN B 153 21.14 29.02 -6.68
N ALA B 154 20.04 29.30 -6.01
CA ALA B 154 20.05 29.29 -4.54
C ALA B 154 19.59 27.93 -4.00
N LEU B 155 20.45 27.25 -3.25
CA LEU B 155 20.08 25.98 -2.66
C LEU B 155 18.90 26.13 -1.69
N GLN B 156 17.81 25.41 -1.99
CA GLN B 156 16.61 25.43 -1.18
C GLN B 156 16.74 24.51 0.03
N SER B 157 16.05 24.87 1.11
CA SER B 157 16.02 24.06 2.32
C SER B 157 14.70 24.24 3.03
N GLY B 158 14.15 23.15 3.59
CA GLY B 158 12.94 23.22 4.39
C GLY B 158 11.62 23.39 3.65
N ASN B 159 11.66 23.53 2.32
CA ASN B 159 10.43 23.69 1.54
C ASN B 159 10.15 22.56 0.51
N SER B 160 10.73 21.36 0.73
CA SER B 160 10.39 20.23 -0.12
C SER B 160 10.12 18.94 0.65
N GLN B 161 9.36 18.03 0.03
CA GLN B 161 9.13 16.71 0.60
C GLN B 161 9.29 15.60 -0.46
N GLU B 162 9.75 14.44 0.00
CA GLU B 162 10.00 13.30 -0.88
C GLU B 162 9.10 12.12 -0.58
N SER B 163 8.82 11.37 -1.62
CA SER B 163 8.09 10.11 -1.54
C SER B 163 8.87 9.06 -2.35
N VAL B 164 8.96 7.81 -1.87
CA VAL B 164 9.64 6.73 -2.58
C VAL B 164 8.78 5.48 -2.74
N THR B 165 8.68 4.94 -3.96
CA THR B 165 7.93 3.70 -4.17
C THR B 165 8.57 2.51 -3.49
N GLU B 166 7.81 1.43 -3.37
CA GLU B 166 8.38 0.15 -2.96
C GLU B 166 9.12 -0.40 -4.16
N GLN B 167 9.92 -1.44 -3.94
CA GLN B 167 10.67 -2.06 -5.01
C GLN B 167 9.76 -2.55 -6.13
N ASP B 168 10.05 -2.12 -7.35
CA ASP B 168 9.28 -2.51 -8.52
C ASP B 168 9.30 -4.02 -8.71
N SER B 169 8.13 -4.57 -9.01
CA SER B 169 7.96 -6.00 -8.97
C SER B 169 8.53 -6.69 -10.20
N LYS B 170 8.97 -5.91 -11.19
CA LYS B 170 9.59 -6.48 -12.40
C LYS B 170 11.10 -6.20 -12.51
N ASP B 171 11.55 -4.98 -12.23
CA ASP B 171 12.99 -4.73 -12.41
C ASP B 171 13.71 -4.42 -11.11
N SER B 172 13.01 -4.56 -9.98
CA SER B 172 13.60 -4.36 -8.66
C SER B 172 14.14 -2.94 -8.39
N THR B 173 13.71 -1.95 -9.18
CA THR B 173 14.16 -0.58 -8.93
C THR B 173 13.22 0.21 -8.00
N TYR B 174 13.66 1.41 -7.63
CA TYR B 174 12.82 2.35 -6.91
C TYR B 174 12.58 3.57 -7.77
N SER B 175 11.51 4.28 -7.47
CA SER B 175 11.27 5.60 -8.05
C SER B 175 11.01 6.61 -6.93
N LEU B 176 11.28 7.88 -7.21
CA LEU B 176 11.15 8.92 -6.19
C LEU B 176 10.60 10.21 -6.75
N SER B 177 9.70 10.84 -6.00
CA SER B 177 9.19 12.16 -6.33
C SER B 177 9.55 13.17 -5.24
N SER B 178 10.10 14.30 -5.66
CA SER B 178 10.35 15.39 -4.74
C SER B 178 9.52 16.60 -5.16
N THR B 179 8.77 17.15 -4.21
CA THR B 179 7.94 18.31 -4.48
C THR B 179 8.42 19.56 -3.77
N LEU B 180 8.73 20.59 -4.54
CA LEU B 180 9.06 21.91 -3.98
C LEU B 180 7.78 22.73 -3.92
N THR B 181 7.40 23.20 -2.74
CA THR B 181 6.17 23.98 -2.63
C THR B 181 6.46 25.43 -2.32
N LEU B 182 5.96 26.33 -3.18
CA LEU B 182 6.09 27.77 -2.95
C LEU B 182 4.76 28.48 -3.11
N SER B 183 4.59 29.59 -2.40
CA SER B 183 3.45 30.48 -2.69
C SER B 183 3.58 30.98 -4.12
N LYS B 184 2.45 31.24 -4.78
CA LYS B 184 2.49 31.83 -6.12
C LYS B 184 3.34 33.11 -6.19
N ALA B 185 3.33 33.88 -5.11
CA ALA B 185 4.07 35.14 -5.04
C ALA B 185 5.58 34.89 -5.06
N ASP B 186 6.06 33.99 -4.20
CA ASP B 186 7.48 33.66 -4.20
C ASP B 186 7.89 32.95 -5.48
N TYR B 187 6.97 32.23 -6.09
CA TYR B 187 7.28 31.50 -7.32
C TYR B 187 7.58 32.48 -8.45
N GLU B 188 6.77 33.53 -8.55
CA GLU B 188 6.93 34.49 -9.64
C GLU B 188 8.10 35.43 -9.43
N LYS B 189 8.62 35.45 -8.20
CA LYS B 189 9.80 36.25 -7.90
C LYS B 189 11.09 35.73 -8.52
N HIS B 190 11.10 34.48 -9.00
CA HIS B 190 12.33 33.87 -9.51
C HIS B 190 12.16 33.21 -10.88
N LYS B 191 13.29 32.93 -11.54
CA LYS B 191 13.25 32.44 -12.92
C LYS B 191 13.60 30.95 -13.06
N VAL B 192 14.80 30.57 -12.64
CA VAL B 192 15.34 29.23 -12.89
C VAL B 192 15.05 28.20 -11.78
N TYR B 193 14.27 27.18 -12.12
CA TYR B 193 13.94 26.14 -11.15
C TYR B 193 14.63 24.84 -11.50
N ALA B 194 15.53 24.41 -10.62
CA ALA B 194 16.41 23.30 -10.92
C ALA B 194 16.31 22.18 -9.88
N CYS B 195 16.39 20.95 -10.37
CA CYS B 195 16.46 19.74 -9.56
C CYS B 195 17.78 19.04 -9.79
N GLU B 196 18.63 18.97 -8.78
CA GLU B 196 19.93 18.34 -8.91
C GLU B 196 19.97 16.99 -8.20
N VAL B 197 20.32 15.95 -8.95
CA VAL B 197 20.28 14.58 -8.43
C VAL B 197 21.67 13.96 -8.32
N THR B 198 22.02 13.57 -7.09
CA THR B 198 23.23 12.80 -6.82
C THR B 198 22.85 11.33 -6.54
N HIS B 199 23.57 10.37 -7.14
CA HIS B 199 23.25 8.94 -7.01
C HIS B 199 24.39 8.03 -7.50
N GLN B 200 24.55 6.88 -6.86
CA GLN B 200 25.70 6.02 -7.16
C GLN B 200 25.73 5.52 -8.61
N GLY B 201 24.59 5.52 -9.29
CA GLY B 201 24.56 5.20 -10.70
C GLY B 201 24.99 6.33 -11.62
N LEU B 202 25.23 7.51 -11.04
CA LEU B 202 25.63 8.69 -11.81
C LEU B 202 27.07 9.07 -11.49
N SER B 203 27.90 9.20 -12.52
CA SER B 203 29.32 9.53 -12.31
C SER B 203 29.47 10.94 -11.74
N SER B 204 28.62 11.86 -12.19
CA SER B 204 28.52 13.18 -11.56
C SER B 204 27.04 13.61 -11.49
N PRO B 205 26.70 14.54 -10.56
CA PRO B 205 25.30 14.99 -10.42
C PRO B 205 24.61 15.36 -11.72
N VAL B 206 23.31 15.07 -11.77
CA VAL B 206 22.49 15.37 -12.94
C VAL B 206 21.47 16.45 -12.56
N THR B 207 21.37 17.48 -13.40
CA THR B 207 20.49 18.59 -13.10
C THR B 207 19.44 18.70 -14.19
N LYS B 208 18.17 18.74 -13.79
CA LYS B 208 17.09 19.05 -14.70
C LYS B 208 16.48 20.38 -14.26
N SER B 209 16.23 21.28 -15.21
CA SER B 209 15.72 22.60 -14.87
CA SER B 209 15.70 22.60 -14.86
C SER B 209 14.77 23.16 -15.91
N PHE B 210 14.01 24.19 -15.52
CA PHE B 210 13.19 24.91 -16.47
C PHE B 210 13.22 26.38 -16.15
N ASN B 211 12.96 27.20 -17.17
CA ASN B 211 12.79 28.63 -16.98
C ASN B 211 11.30 28.96 -16.98
N ARG B 212 10.82 29.49 -15.86
CA ARG B 212 9.41 29.85 -15.72
C ARG B 212 8.93 30.71 -16.87
N GLY B 213 7.85 30.27 -17.51
CA GLY B 213 7.36 30.93 -18.71
C GLY B 213 8.01 30.37 -19.95
N GLU B 214 7.40 29.32 -20.49
CA GLU B 214 7.87 28.68 -21.72
C GLU B 214 6.71 27.92 -22.36
N ALA C 1 -18.10 -29.36 24.80
CA ALA C 1 -17.90 -27.92 24.66
C ALA C 1 -17.86 -27.53 23.19
N ARG C 2 -18.45 -26.39 22.87
CA ARG C 2 -18.34 -25.85 21.54
C ARG C 2 -17.06 -25.04 21.44
N THR C 3 -15.98 -25.76 21.13
CA THR C 3 -14.64 -25.18 21.04
C THR C 3 -13.85 -25.89 19.96
N M3L C 4 -12.98 -25.15 19.28
CA M3L C 4 -12.09 -25.78 18.27
CB M3L C 4 -11.67 -24.85 17.06
CG M3L C 4 -12.90 -24.38 16.26
CD M3L C 4 -12.48 -23.35 15.17
CE M3L C 4 -12.34 -21.94 15.77
NZ M3L C 4 -11.67 -21.01 14.81
C M3L C 4 -10.90 -26.45 18.94
O M3L C 4 -10.19 -27.21 18.24
CM1 M3L C 4 -11.74 -19.64 15.29
CM2 M3L C 4 -10.28 -21.40 14.69
CM3 M3L C 4 -12.27 -21.08 13.53
N GLN C 5 -10.65 -26.23 20.23
CA GLN C 5 -9.50 -26.89 20.87
C GLN C 5 -9.76 -28.39 21.01
N THR C 6 -8.72 -29.21 20.93
CA THR C 6 -8.92 -30.65 20.81
C THR C 6 -8.48 -31.49 22.01
N ALA C 7 -7.85 -30.88 23.00
CA ALA C 7 -7.28 -31.65 24.11
C ALA C 7 -8.34 -32.14 25.08
N ARG C 8 -8.09 -33.29 25.67
CA ARG C 8 -9.00 -33.89 26.63
C ARG C 8 -8.14 -34.65 27.63
N LYS C 9 -8.21 -34.26 28.90
CA LYS C 9 -7.36 -34.84 29.95
C LYS C 9 -7.65 -36.32 30.15
C1 GOL D . -14.19 -25.63 7.08
O1 GOL D . -13.29 -24.77 7.74
C2 GOL D . -15.63 -25.41 7.53
O2 GOL D . -15.76 -24.49 8.58
C3 GOL D . -16.55 -25.01 6.40
O3 GOL D . -15.78 -24.65 5.28
C1 GOL E . -9.99 -28.92 15.69
O1 GOL E . -11.26 -29.08 16.29
C2 GOL E . -10.14 -28.31 14.33
O2 GOL E . -10.93 -27.16 14.47
C1 GOL F . -30.45 -17.00 8.51
O1 GOL F . -30.74 -17.43 7.18
C2 GOL F . -29.59 -15.74 8.45
O2 GOL F . -30.20 -14.79 7.61
C3 GOL F . -29.27 -15.15 9.79
O3 GOL F . -27.86 -15.10 9.93
C1 GOL G . -13.31 -22.95 -2.71
O1 GOL G . -12.10 -23.37 -2.10
C2 GOL G . -13.29 -21.43 -2.84
O2 GOL G . -12.54 -21.05 -3.97
C3 GOL G . -14.70 -20.90 -2.93
O3 GOL G . -15.53 -21.68 -2.09
C1 GOL H . -21.70 7.86 16.89
O1 GOL H . -22.59 8.17 15.84
C2 GOL H . -22.50 7.53 18.14
O2 GOL H . -22.10 6.26 18.63
C3 GOL H . -22.20 8.53 19.23
O3 GOL H . -21.27 7.96 20.13
C1 GOL I . 2.79 -15.91 -5.59
O1 GOL I . 2.03 -14.79 -5.95
C2 GOL I . 4.12 -15.86 -6.31
O2 GOL I . 3.96 -16.30 -7.64
C3 GOL I . 4.58 -14.41 -6.31
O3 GOL I . 5.90 -14.29 -5.85
C1 GOL J . 9.36 -21.86 -10.82
O1 GOL J . 10.76 -22.05 -10.82
C2 GOL J . 8.68 -23.18 -10.54
O2 GOL J . 9.17 -23.72 -9.32
C3 GOL J . 7.18 -22.96 -10.48
O3 GOL J . 6.50 -24.19 -10.34
S SO4 K . 14.88 -23.87 17.44
O1 SO4 K . 15.10 -23.20 18.79
O2 SO4 K . 14.13 -22.89 16.56
O3 SO4 K . 16.19 -24.18 16.75
O4 SO4 K . 14.07 -25.15 17.58
#